data_3AX3
#
_entry.id   3AX3
#
_cell.length_a   99.596
_cell.length_b   99.596
_cell.length_c   195.180
_cell.angle_alpha   90.00
_cell.angle_beta   90.00
_cell.angle_gamma   120.00
#
_symmetry.space_group_name_H-M   'H 3 2'
#
loop_
_entity.id
_entity.type
_entity.pdbx_description
1 polymer 'Mitochondrial import receptor subunit TOM20 homolog'
2 polymer 'Aldehyde dehydrogenase, mitochondrial'
3 water water
#
loop_
_entity_poly.entity_id
_entity_poly.type
_entity_poly.pdbx_seq_one_letter_code
_entity_poly.pdbx_strand_id
1 'polypeptide(L)' GPLGSDLKDAEAVQKFFLEEIQLGEELLAQGDYEKGVDHLTNAIAVSGQPQQLLQVLQQTLPPPVFQMLLTKL A,C,E,G
2 'polypeptide(L)' G(DCY)RLCRLLSYA(NH2) B,D,F,H
#
loop_
_chem_comp.id
_chem_comp.type
_chem_comp.name
_chem_comp.formula
NH2 non-polymer 'AMINO GROUP' 'H2 N'
#
# COMPACT_ATOMS: atom_id res chain seq x y z
N LYS A 8 -4.80 -5.42 11.36
CA LYS A 8 -5.71 -6.57 11.13
C LYS A 8 -5.48 -7.24 9.78
N ASP A 9 -5.99 -8.48 9.68
CA ASP A 9 -6.04 -9.26 8.47
C ASP A 9 -6.86 -8.53 7.39
N ALA A 10 -7.93 -7.84 7.78
CA ALA A 10 -8.80 -7.14 6.80
C ALA A 10 -8.15 -5.97 6.08
N GLU A 11 -7.50 -5.05 6.79
CA GLU A 11 -6.76 -3.98 6.11
C GLU A 11 -5.65 -4.52 5.19
N ALA A 12 -4.91 -5.54 5.66
CA ALA A 12 -3.88 -6.17 4.82
C ALA A 12 -4.52 -6.73 3.51
N VAL A 13 -5.55 -7.54 3.64
CA VAL A 13 -6.25 -8.13 2.50
C VAL A 13 -6.86 -7.07 1.53
N GLN A 14 -7.60 -6.08 2.07
CA GLN A 14 -8.09 -4.97 1.21
C GLN A 14 -6.99 -4.30 0.43
N LYS A 15 -5.88 -4.00 1.09
CA LYS A 15 -4.74 -3.42 0.44
C LYS A 15 -4.16 -4.31 -0.69
N PHE A 16 -3.96 -5.58 -0.37
CA PHE A 16 -3.43 -6.52 -1.38
C PHE A 16 -4.41 -6.58 -2.62
N PHE A 17 -5.70 -6.76 -2.32
CA PHE A 17 -6.74 -6.85 -3.36
C PHE A 17 -6.73 -5.63 -4.28
N LEU A 18 -6.82 -4.44 -3.67
CA LEU A 18 -6.71 -3.19 -4.42
C LEU A 18 -5.44 -2.95 -5.16
N GLU A 19 -4.29 -3.26 -4.57
CA GLU A 19 -3.07 -3.05 -5.28
C GLU A 19 -2.86 -4.00 -6.47
N GLU A 20 -3.25 -5.25 -6.27
CA GLU A 20 -3.23 -6.23 -7.37
C GLU A 20 -4.13 -5.78 -8.57
N ILE A 21 -5.32 -5.26 -8.29
CA ILE A 21 -6.23 -4.74 -9.32
C ILE A 21 -5.59 -3.59 -10.07
N GLN A 22 -5.01 -2.66 -9.32
CA GLN A 22 -4.38 -1.48 -9.90
C GLN A 22 -3.18 -1.82 -10.78
N LEU A 23 -2.36 -2.76 -10.34
CA LEU A 23 -1.30 -3.21 -11.19
C LEU A 23 -1.91 -3.93 -12.41
N GLY A 24 -2.94 -4.77 -12.20
CA GLY A 24 -3.60 -5.43 -13.33
C GLY A 24 -4.12 -4.48 -14.43
N GLU A 25 -4.83 -3.43 -14.02
CA GLU A 25 -5.35 -2.38 -14.91
C GLU A 25 -4.25 -1.65 -15.65
N GLU A 26 -3.24 -1.18 -14.92
CA GLU A 26 -2.06 -0.57 -15.54
C GLU A 26 -1.43 -1.47 -16.55
N LEU A 27 -1.09 -2.72 -16.19
CA LEU A 27 -0.57 -3.68 -17.18
C LEU A 27 -1.43 -3.89 -18.44
N LEU A 28 -2.73 -4.08 -18.21
CA LEU A 28 -3.68 -4.20 -19.36
C LEU A 28 -3.67 -2.95 -20.25
N ALA A 29 -3.60 -1.78 -19.62
CA ALA A 29 -3.54 -0.51 -20.40
C ALA A 29 -2.24 -0.43 -21.27
N GLN A 30 -1.19 -1.09 -20.81
CA GLN A 30 0.09 -1.14 -21.55
C GLN A 30 0.16 -2.30 -22.55
N GLY A 31 -0.85 -3.17 -22.55
CA GLY A 31 -0.87 -4.26 -23.51
C GLY A 31 -0.14 -5.48 -23.02
N ASP A 32 0.21 -5.44 -21.74
CA ASP A 32 0.81 -6.63 -21.08
C ASP A 32 -0.34 -7.48 -20.46
N TYR A 33 -1.13 -8.07 -21.37
CA TYR A 33 -2.41 -8.72 -21.02
C TYR A 33 -2.17 -9.89 -20.06
N GLU A 34 -1.19 -10.73 -20.41
CA GLU A 34 -0.89 -11.90 -19.58
C GLU A 34 -0.47 -11.54 -18.18
N LYS A 35 0.45 -10.60 -18.06
CA LYS A 35 0.86 -10.15 -16.72
C LYS A 35 -0.28 -9.51 -15.93
N GLY A 36 -1.07 -8.66 -16.58
CA GLY A 36 -2.22 -8.02 -15.93
C GLY A 36 -3.24 -9.01 -15.38
N VAL A 37 -3.57 -9.98 -16.20
CA VAL A 37 -4.45 -11.09 -15.85
C VAL A 37 -3.95 -11.90 -14.68
N ASP A 38 -2.63 -12.14 -14.61
CA ASP A 38 -2.05 -12.84 -13.47
C ASP A 38 -2.34 -12.11 -12.17
N HIS A 39 -2.22 -10.79 -12.18
CA HIS A 39 -2.50 -10.02 -10.96
C HIS A 39 -4.01 -10.05 -10.66
N LEU A 40 -4.87 -9.99 -11.68
CA LEU A 40 -6.33 -10.07 -11.39
C LEU A 40 -6.67 -11.40 -10.75
N THR A 41 -5.97 -12.47 -11.10
CA THR A 41 -6.31 -13.79 -10.56
C THR A 41 -5.96 -13.79 -9.07
N ASN A 42 -4.89 -13.11 -8.65
CA ASN A 42 -4.65 -12.90 -7.17
C ASN A 42 -5.80 -12.17 -6.46
N ALA A 43 -6.33 -11.13 -7.10
CA ALA A 43 -7.45 -10.38 -6.51
C ALA A 43 -8.69 -11.26 -6.42
N ILE A 44 -9.00 -11.98 -7.50
CA ILE A 44 -10.12 -12.91 -7.46
C ILE A 44 -9.97 -14.03 -6.37
N ALA A 45 -8.76 -14.58 -6.22
CA ALA A 45 -8.47 -15.61 -5.20
C ALA A 45 -8.72 -15.26 -3.75
N VAL A 46 -8.64 -13.99 -3.37
CA VAL A 46 -8.97 -13.56 -2.02
C VAL A 46 -10.42 -13.08 -1.81
N SER A 47 -11.27 -13.28 -2.83
CA SER A 47 -12.62 -12.72 -2.76
C SER A 47 -13.54 -13.83 -2.41
N GLY A 48 -14.47 -13.54 -1.52
CA GLY A 48 -15.50 -14.57 -1.17
C GLY A 48 -16.54 -14.82 -2.28
N GLN A 49 -16.63 -13.89 -3.22
CA GLN A 49 -17.48 -14.08 -4.42
C GLN A 49 -16.78 -14.15 -5.78
N PRO A 50 -15.93 -15.16 -5.99
CA PRO A 50 -15.17 -15.14 -7.27
C PRO A 50 -16.07 -15.03 -8.51
N GLN A 51 -17.26 -15.67 -8.50
CA GLN A 51 -18.14 -15.70 -9.67
C GLN A 51 -18.71 -14.37 -9.95
N GLN A 52 -18.89 -13.58 -8.90
CA GLN A 52 -19.42 -12.27 -9.16
C GLN A 52 -18.38 -11.30 -9.71
N LEU A 53 -17.15 -11.46 -9.24
CA LEU A 53 -16.02 -10.70 -9.82
C LEU A 53 -15.88 -11.12 -11.29
N LEU A 54 -15.98 -12.39 -11.58
CA LEU A 54 -15.78 -12.89 -12.98
C LEU A 54 -16.87 -12.28 -13.90
N GLN A 55 -18.12 -12.15 -13.37
CA GLN A 55 -19.19 -11.53 -14.20
C GLN A 55 -18.93 -10.14 -14.47
N VAL A 56 -18.46 -9.43 -13.47
CA VAL A 56 -18.19 -8.06 -13.73
C VAL A 56 -17.02 -7.95 -14.75
N LEU A 57 -16.03 -8.83 -14.65
CA LEU A 57 -14.87 -8.71 -15.59
C LEU A 57 -15.27 -9.07 -16.97
N GLN A 58 -16.15 -10.05 -17.11
CA GLN A 58 -16.72 -10.35 -18.42
C GLN A 58 -17.43 -9.14 -19.07
N GLN A 59 -18.09 -8.32 -18.27
CA GLN A 59 -18.82 -7.12 -18.79
C GLN A 59 -17.87 -5.99 -19.05
N THR A 60 -16.63 -6.08 -18.57
CA THR A 60 -15.70 -4.95 -18.74
C THR A 60 -14.49 -5.24 -19.67
N LEU A 61 -13.97 -6.48 -19.65
CA LEU A 61 -12.72 -6.78 -20.33
C LEU A 61 -13.00 -7.13 -21.80
N PRO A 62 -12.05 -6.84 -22.73
CA PRO A 62 -12.17 -7.45 -24.05
C PRO A 62 -12.30 -8.98 -24.00
N PRO A 63 -13.10 -9.57 -24.90
CA PRO A 63 -13.31 -11.02 -24.79
C PRO A 63 -12.05 -11.89 -24.75
N PRO A 64 -10.96 -11.54 -25.52
CA PRO A 64 -9.80 -12.44 -25.45
C PRO A 64 -9.05 -12.30 -24.17
N VAL A 65 -9.09 -11.16 -23.54
CA VAL A 65 -8.42 -11.03 -22.22
C VAL A 65 -9.22 -11.75 -21.14
N PHE A 66 -10.54 -11.55 -21.14
CA PHE A 66 -11.41 -12.32 -20.21
C PHE A 66 -11.18 -13.84 -20.33
N GLN A 67 -11.11 -14.32 -21.56
CA GLN A 67 -10.95 -15.68 -21.82
C GLN A 67 -9.61 -16.27 -21.30
N MET A 68 -8.55 -15.52 -21.56
CA MET A 68 -7.28 -15.77 -20.96
C MET A 68 -7.32 -15.79 -19.46
N LEU A 69 -8.01 -14.81 -18.87
CA LEU A 69 -8.30 -14.84 -17.44
C LEU A 69 -8.86 -16.18 -16.96
N LEU A 70 -9.98 -16.58 -17.56
CA LEU A 70 -10.55 -17.89 -17.27
C LEU A 70 -9.59 -19.08 -17.33
N THR A 71 -8.66 -19.10 -18.27
CA THR A 71 -7.70 -20.20 -18.35
C THR A 71 -6.60 -20.17 -17.26
N LYS A 72 -6.39 -19.01 -16.63
CA LYS A 72 -5.32 -18.86 -15.63
C LYS A 72 -5.83 -19.02 -14.18
N LEU A 73 -7.14 -19.13 -14.01
CA LEU A 73 -7.67 -19.13 -12.66
C LEU A 73 -7.33 -20.39 -11.88
N GLY B 1 -5.82 5.84 -13.54
CA GLY B 1 -6.62 4.58 -13.31
C GLY B 1 -7.26 4.50 -11.94
N DCY B 2 -7.66 3.31 -11.51
CA DCY B 2 -8.33 3.17 -10.23
C DCY B 2 -9.76 2.75 -10.44
O DCY B 2 -10.38 2.28 -9.50
CB DCY B 2 -7.59 2.17 -9.33
SG DCY B 2 -7.90 0.43 -9.79
N ARG B 3 -10.30 2.84 -11.66
CA ARG B 3 -11.72 2.47 -11.87
C ARG B 3 -12.01 1.00 -11.66
N LEU B 4 -11.08 0.18 -12.15
CA LEU B 4 -11.22 -1.25 -12.02
C LEU B 4 -11.31 -1.62 -10.51
N CYS B 5 -10.58 -0.91 -9.69
CA CYS B 5 -10.68 -1.13 -8.24
C CYS B 5 -12.05 -0.97 -7.68
N ARG B 6 -12.77 0.07 -8.10
CA ARG B 6 -14.13 0.34 -7.57
C ARG B 6 -15.12 -0.65 -8.11
N LEU B 7 -15.06 -0.95 -9.42
CA LEU B 7 -16.00 -1.95 -9.93
C LEU B 7 -15.84 -3.24 -9.19
N LEU B 8 -14.60 -3.65 -8.87
CA LEU B 8 -14.42 -4.98 -8.30
C LEU B 8 -14.69 -5.02 -6.78
N SER B 9 -14.39 -3.93 -6.06
CA SER B 9 -14.71 -3.87 -4.61
C SER B 9 -16.22 -3.98 -4.45
N TYR B 10 -16.93 -3.22 -5.28
CA TYR B 10 -18.40 -3.24 -5.22
C TYR B 10 -19.00 -4.57 -5.64
N ALA B 11 -18.24 -5.37 -6.39
CA ALA B 11 -18.71 -6.73 -6.72
C ALA B 11 -18.73 -7.68 -5.53
N NH2 B 12 -17.79 -7.27 -4.76
N LYS C 8 7.22 -1.77 26.72
CA LYS C 8 6.96 -0.41 26.14
C LYS C 8 8.29 0.31 25.81
N ASP C 9 9.36 -0.08 26.51
CA ASP C 9 10.74 0.30 26.16
C ASP C 9 10.97 -0.21 24.74
N ALA C 10 10.47 -1.42 24.50
CA ALA C 10 10.54 -2.14 23.25
C ALA C 10 9.82 -1.42 22.10
N GLU C 11 8.53 -1.15 22.29
CA GLU C 11 7.70 -0.32 21.39
C GLU C 11 8.38 1.02 21.02
N ALA C 12 8.95 1.68 22.03
CA ALA C 12 9.48 3.02 21.84
C ALA C 12 10.76 3.03 20.99
N VAL C 13 11.68 2.10 21.23
CA VAL C 13 12.90 2.04 20.43
C VAL C 13 12.66 1.55 18.97
N GLN C 14 11.67 0.70 18.77
CA GLN C 14 11.39 0.17 17.43
C GLN C 14 10.82 1.34 16.62
N LYS C 15 9.92 2.10 17.25
CA LYS C 15 9.36 3.30 16.66
C LYS C 15 10.50 4.33 16.34
N PHE C 16 11.45 4.52 17.26
CA PHE C 16 12.58 5.44 17.02
C PHE C 16 13.46 4.94 15.84
N PHE C 17 13.79 3.65 15.86
CA PHE C 17 14.63 3.02 14.85
C PHE C 17 13.93 3.23 13.48
N LEU C 18 12.64 2.93 13.42
CA LEU C 18 11.86 3.01 12.16
C LEU C 18 11.64 4.44 11.71
N GLU C 19 11.37 5.35 12.63
CA GLU C 19 11.21 6.74 12.23
C GLU C 19 12.51 7.40 11.78
N GLU C 20 13.66 7.03 12.38
CA GLU C 20 14.95 7.61 11.95
C GLU C 20 15.29 7.10 10.56
N ILE C 21 14.97 5.84 10.31
CA ILE C 21 15.30 5.29 9.00
C ILE C 21 14.46 5.96 7.93
N GLN C 22 13.19 6.16 8.25
CA GLN C 22 12.20 6.74 7.32
C GLN C 22 12.61 8.17 6.98
N LEU C 23 12.82 8.96 8.05
CA LEU C 23 13.39 10.31 7.93
C LEU C 23 14.66 10.31 7.12
N GLY C 24 15.59 9.40 7.43
CA GLY C 24 16.80 9.28 6.64
C GLY C 24 16.55 9.00 5.16
N GLU C 25 15.67 8.05 4.89
CA GLU C 25 15.36 7.66 3.55
C GLU C 25 14.71 8.85 2.79
N GLU C 26 13.81 9.57 3.45
CA GLU C 26 13.23 10.76 2.84
C GLU C 26 14.28 11.83 2.60
N LEU C 27 14.99 12.21 3.69
CA LEU C 27 15.98 13.26 3.59
C LEU C 27 16.89 12.92 2.47
N LEU C 28 17.25 11.65 2.33
CA LEU C 28 18.11 11.29 1.21
C LEU C 28 17.44 11.56 -0.11
N ALA C 29 16.26 10.96 -0.35
CA ALA C 29 15.54 11.10 -1.62
C ALA C 29 15.55 12.57 -2.00
N GLN C 30 15.30 13.43 -1.03
CA GLN C 30 15.17 14.85 -1.26
C GLN C 30 16.46 15.67 -1.19
N GLY C 31 17.60 14.97 -1.17
CA GLY C 31 18.94 15.54 -1.42
C GLY C 31 19.77 16.01 -0.23
N ASP C 32 19.25 15.87 0.98
CA ASP C 32 20.02 16.33 2.11
C ASP C 32 20.80 15.11 2.70
N TYR C 33 21.96 14.84 2.11
CA TYR C 33 22.84 13.78 2.51
C TYR C 33 23.29 13.81 3.98
N GLU C 34 23.57 15.02 4.50
CA GLU C 34 24.15 15.23 5.80
C GLU C 34 23.13 14.88 6.86
N LYS C 35 21.92 15.44 6.77
CA LYS C 35 20.93 15.14 7.79
C LYS C 35 20.45 13.72 7.56
N GLY C 36 20.31 13.31 6.28
CA GLY C 36 19.93 11.96 5.95
C GLY C 36 20.83 10.96 6.67
N VAL C 37 22.13 11.11 6.51
CA VAL C 37 23.12 10.22 7.12
C VAL C 37 23.09 10.35 8.67
N ASP C 38 22.85 11.56 9.20
CA ASP C 38 22.72 11.75 10.64
C ASP C 38 21.59 10.88 11.18
N HIS C 39 20.45 10.80 10.49
CA HIS C 39 19.34 9.96 11.00
C HIS C 39 19.65 8.48 10.98
N LEU C 40 20.37 8.06 9.95
CA LEU C 40 20.77 6.70 9.82
C LEU C 40 21.81 6.27 10.89
N THR C 41 22.71 7.19 11.28
CA THR C 41 23.67 6.94 12.37
C THR C 41 22.89 6.68 13.63
N ASN C 42 21.79 7.38 13.85
CA ASN C 42 20.94 7.08 15.02
C ASN C 42 20.36 5.67 14.98
N ALA C 43 19.89 5.25 13.79
CA ALA C 43 19.30 3.93 13.63
C ALA C 43 20.34 2.91 13.91
N ILE C 44 21.51 3.09 13.33
CA ILE C 44 22.59 2.17 13.55
C ILE C 44 22.97 2.09 15.08
N ALA C 45 23.02 3.24 15.77
CA ALA C 45 23.50 3.27 17.17
C ALA C 45 22.61 2.45 18.09
N VAL C 46 21.33 2.29 17.74
CA VAL C 46 20.41 1.45 18.53
C VAL C 46 20.28 -0.04 18.11
N SER C 47 21.11 -0.46 17.18
CA SER C 47 21.01 -1.83 16.71
C SER C 47 22.03 -2.68 17.48
N GLY C 48 21.67 -3.92 17.83
CA GLY C 48 22.67 -4.89 18.33
C GLY C 48 23.59 -5.46 17.25
N GLN C 49 23.21 -5.34 15.97
CA GLN C 49 24.08 -5.87 14.88
C GLN C 49 24.56 -4.78 13.92
N PRO C 50 25.37 -3.82 14.43
CA PRO C 50 25.69 -2.66 13.61
C PRO C 50 26.48 -3.00 12.38
N GLN C 51 27.42 -3.95 12.52
CA GLN C 51 28.22 -4.39 11.40
C GLN C 51 27.40 -5.02 10.25
N GLN C 52 26.38 -5.80 10.58
CA GLN C 52 25.46 -6.34 9.60
C GLN C 52 24.62 -5.24 8.95
N LEU C 53 24.17 -4.26 9.76
CA LEU C 53 23.38 -3.14 9.21
C LEU C 53 24.24 -2.35 8.23
N LEU C 54 25.51 -2.16 8.58
CA LEU C 54 26.47 -1.56 7.67
C LEU C 54 26.69 -2.22 6.33
N GLN C 55 26.68 -3.56 6.34
CA GLN C 55 26.87 -4.38 5.17
C GLN C 55 25.65 -4.24 4.24
N VAL C 56 24.46 -4.21 4.81
CA VAL C 56 23.23 -4.00 4.05
C VAL C 56 23.21 -2.54 3.53
N LEU C 57 23.61 -1.60 4.36
CA LEU C 57 23.64 -0.21 3.90
C LEU C 57 24.62 0.05 2.74
N GLN C 58 25.77 -0.60 2.73
CA GLN C 58 26.68 -0.47 1.60
C GLN C 58 26.06 -1.04 0.31
N GLN C 59 25.12 -1.99 0.47
CA GLN C 59 24.38 -2.57 -0.64
C GLN C 59 23.14 -1.79 -1.03
N THR C 60 22.62 -0.92 -0.17
CA THR C 60 21.41 -0.23 -0.51
C THR C 60 21.55 1.30 -0.59
N LEU C 61 22.72 1.86 -0.30
CA LEU C 61 22.85 3.34 -0.37
C LEU C 61 23.69 3.74 -1.64
N PRO C 62 23.52 4.97 -2.13
CA PRO C 62 24.47 5.43 -3.18
C PRO C 62 25.84 5.49 -2.56
N PRO C 63 26.88 5.17 -3.34
CA PRO C 63 28.26 5.08 -2.86
C PRO C 63 28.69 6.32 -2.04
N PRO C 64 28.30 7.57 -2.48
CA PRO C 64 28.75 8.70 -1.71
C PRO C 64 28.00 8.89 -0.40
N VAL C 65 26.77 8.39 -0.31
CA VAL C 65 26.02 8.44 0.96
C VAL C 65 26.71 7.48 1.93
N PHE C 66 27.02 6.27 1.47
CA PHE C 66 27.74 5.34 2.28
C PHE C 66 29.08 5.86 2.78
N GLN C 67 29.85 6.57 1.92
CA GLN C 67 31.16 7.15 2.35
C GLN C 67 30.96 8.26 3.38
N MET C 68 30.02 9.14 3.15
CA MET C 68 29.65 10.09 4.16
C MET C 68 29.34 9.38 5.51
N LEU C 69 28.69 8.21 5.43
CA LEU C 69 28.22 7.52 6.63
C LEU C 69 29.37 6.97 7.43
N LEU C 70 30.34 6.40 6.72
CA LEU C 70 31.56 5.90 7.32
C LEU C 70 32.30 6.99 8.10
N THR C 71 32.39 8.21 7.55
CA THR C 71 33.14 9.24 8.24
C THR C 71 32.45 9.64 9.55
N LYS C 72 31.14 9.40 9.65
CA LYS C 72 30.39 9.76 10.86
C LYS C 72 30.21 8.61 11.85
N LEU C 73 30.97 7.54 11.71
CA LEU C 73 30.80 6.41 12.60
C LEU C 73 31.78 6.53 13.73
N GLY D 1 8.80 7.27 2.08
CA GLY D 1 9.14 5.87 1.69
C GLY D 1 8.91 4.97 2.91
N DCY D 2 9.49 3.76 2.89
CA DCY D 2 9.35 2.80 3.97
C DCY D 2 10.16 1.58 3.58
O DCY D 2 10.29 0.65 4.34
CB DCY D 2 9.68 3.36 5.38
SG DCY D 2 11.43 3.25 5.89
N ARG D 3 10.70 1.56 2.36
CA ARG D 3 11.41 0.33 1.94
C ARG D 3 12.75 0.10 2.60
N LEU D 4 13.40 1.22 2.95
CA LEU D 4 14.68 1.07 3.65
C LEU D 4 14.45 0.45 5.04
N CYS D 5 13.35 0.78 5.66
CA CYS D 5 12.94 0.21 6.97
C CYS D 5 12.87 -1.32 6.93
N ARG D 6 12.25 -1.85 5.88
CA ARG D 6 12.20 -3.28 5.71
C ARG D 6 13.59 -3.91 5.52
N LEU D 7 14.42 -3.31 4.64
CA LEU D 7 15.78 -3.84 4.42
C LEU D 7 16.65 -3.93 5.68
N LEU D 8 16.48 -2.99 6.59
CA LEU D 8 17.35 -2.92 7.77
C LEU D 8 16.77 -3.59 9.02
N SER D 9 15.46 -3.82 9.05
CA SER D 9 14.82 -4.43 10.25
C SER D 9 15.15 -5.91 10.52
N TYR D 10 15.72 -6.62 9.57
CA TYR D 10 15.94 -8.08 9.70
C TYR D 10 17.38 -8.37 9.39
N ALA D 11 18.19 -7.31 9.33
CA ALA D 11 19.64 -7.44 9.14
C ALA D 11 20.32 -8.02 10.40
N NH2 D 12 20.00 -7.92 11.61
N ASP E 6 -16.91 -9.96 4.72
CA ASP E 6 -17.64 -10.95 5.51
C ASP E 6 -16.94 -12.33 5.61
N LEU E 7 -17.74 -13.35 5.91
CA LEU E 7 -17.31 -14.72 6.18
C LEU E 7 -16.68 -15.39 4.95
N LYS E 8 -17.34 -15.26 3.80
CA LYS E 8 -16.85 -15.84 2.54
C LYS E 8 -15.46 -15.23 2.15
N ASP E 9 -15.29 -13.94 2.25
CA ASP E 9 -14.00 -13.31 2.01
C ASP E 9 -12.88 -13.90 2.95
N ALA E 10 -13.19 -14.02 4.25
CA ALA E 10 -12.26 -14.59 5.24
C ALA E 10 -11.87 -16.02 4.86
N GLU E 11 -12.85 -16.80 4.46
CA GLU E 11 -12.58 -18.18 4.08
C GLU E 11 -11.69 -18.22 2.84
N ALA E 12 -12.01 -17.36 1.88
CA ALA E 12 -11.20 -17.36 0.66
C ALA E 12 -9.73 -16.93 0.97
N VAL E 13 -9.54 -15.89 1.80
CA VAL E 13 -8.21 -15.37 2.15
C VAL E 13 -7.41 -16.48 2.89
N GLN E 14 -8.06 -17.18 3.82
CA GLN E 14 -7.41 -18.31 4.49
C GLN E 14 -6.92 -19.33 3.51
N LYS E 15 -7.76 -19.71 2.54
CA LYS E 15 -7.34 -20.74 1.58
C LYS E 15 -6.20 -20.24 0.69
N PHE E 16 -6.34 -18.99 0.21
CA PHE E 16 -5.29 -18.40 -0.67
C PHE E 16 -3.93 -18.39 0.08
N PHE E 17 -3.98 -17.94 1.34
CA PHE E 17 -2.80 -17.92 2.25
C PHE E 17 -2.09 -19.30 2.32
N LEU E 18 -2.82 -20.34 2.73
CA LEU E 18 -2.27 -21.67 2.80
C LEU E 18 -1.80 -22.26 1.46
N GLU E 19 -2.57 -22.06 0.36
CA GLU E 19 -2.13 -22.56 -0.97
C GLU E 19 -0.92 -21.84 -1.47
N GLU E 20 -0.85 -20.52 -1.24
CA GLU E 20 0.35 -19.77 -1.70
C GLU E 20 1.61 -20.20 -0.96
N ILE E 21 1.45 -20.40 0.35
CA ILE E 21 2.54 -21.02 1.14
C ILE E 21 2.92 -22.43 0.66
N GLN E 22 1.95 -23.34 0.52
CA GLN E 22 2.27 -24.69 0.09
C GLN E 22 2.96 -24.66 -1.30
N LEU E 23 2.51 -23.80 -2.21
CA LEU E 23 3.14 -23.66 -3.53
C LEU E 23 4.56 -23.14 -3.36
N GLY E 24 4.67 -22.07 -2.57
CA GLY E 24 5.97 -21.44 -2.38
C GLY E 24 6.97 -22.42 -1.72
N GLU E 25 6.52 -23.17 -0.70
CA GLU E 25 7.38 -24.22 -0.14
C GLU E 25 7.85 -25.33 -1.16
N GLU E 26 6.91 -25.83 -1.96
CA GLU E 26 7.24 -26.84 -3.01
C GLU E 26 8.17 -26.25 -4.08
N LEU E 27 8.00 -24.98 -4.41
CA LEU E 27 8.89 -24.30 -5.35
C LEU E 27 10.28 -24.05 -4.78
N LEU E 28 10.38 -23.80 -3.47
CA LEU E 28 11.68 -23.72 -2.81
C LEU E 28 12.43 -25.07 -2.81
N ALA E 29 11.72 -26.13 -2.44
CA ALA E 29 12.19 -27.53 -2.47
C ALA E 29 12.69 -28.05 -3.85
N GLN E 30 12.34 -27.34 -4.95
CA GLN E 30 12.85 -27.59 -6.33
C GLN E 30 13.82 -26.51 -6.83
N GLY E 31 14.29 -25.64 -5.94
CA GLY E 31 15.28 -24.62 -6.33
C GLY E 31 14.77 -23.53 -7.23
N ASP E 32 13.46 -23.53 -7.52
CA ASP E 32 12.88 -22.36 -8.14
C ASP E 32 12.62 -21.24 -7.11
N TYR E 33 13.65 -20.39 -6.92
CA TYR E 33 13.81 -19.35 -5.89
C TYR E 33 12.83 -18.22 -6.09
N GLU E 34 12.97 -17.60 -7.25
CA GLU E 34 12.23 -16.43 -7.64
C GLU E 34 10.75 -16.61 -7.54
N LYS E 35 10.24 -17.75 -7.97
CA LYS E 35 8.80 -17.95 -8.00
C LYS E 35 8.26 -18.43 -6.64
N GLY E 36 9.05 -19.27 -5.95
CA GLY E 36 8.74 -19.66 -4.56
C GLY E 36 8.52 -18.40 -3.70
N VAL E 37 9.47 -17.50 -3.78
CA VAL E 37 9.45 -16.22 -3.16
C VAL E 37 8.26 -15.32 -3.55
N ASP E 38 7.86 -15.28 -4.84
CA ASP E 38 6.74 -14.45 -5.19
C ASP E 38 5.50 -15.00 -4.49
N HIS E 39 5.31 -16.32 -4.44
CA HIS E 39 4.12 -16.88 -3.74
C HIS E 39 4.13 -16.51 -2.25
N LEU E 40 5.33 -16.46 -1.70
CA LEU E 40 5.46 -16.21 -0.28
C LEU E 40 5.10 -14.75 0.01
N THR E 41 5.47 -13.80 -0.86
CA THR E 41 5.11 -12.41 -0.62
C THR E 41 3.60 -12.23 -0.75
N ASN E 42 2.94 -13.06 -1.54
CA ASN E 42 1.47 -13.02 -1.56
C ASN E 42 0.88 -13.43 -0.23
N ALA E 43 1.40 -14.53 0.34
CA ALA E 43 0.89 -14.99 1.66
C ALA E 43 1.19 -13.93 2.75
N ILE E 44 2.40 -13.37 2.73
CA ILE E 44 2.73 -12.31 3.65
C ILE E 44 1.83 -11.09 3.49
N ALA E 45 1.54 -10.73 2.25
CA ALA E 45 0.73 -9.57 1.96
C ALA E 45 -0.70 -9.64 2.49
N VAL E 46 -1.27 -10.85 2.62
CA VAL E 46 -2.65 -11.01 3.14
C VAL E 46 -2.65 -11.28 4.62
N SER E 47 -1.47 -11.47 5.18
CA SER E 47 -1.45 -11.63 6.61
C SER E 47 -1.48 -10.23 7.31
N GLY E 48 -2.19 -10.16 8.40
CA GLY E 48 -2.15 -8.99 9.26
C GLY E 48 -0.91 -8.95 10.17
N GLN E 49 -0.05 -10.00 10.15
CA GLN E 49 1.19 -9.95 10.96
C GLN E 49 2.47 -10.14 10.11
N PRO E 50 2.68 -9.22 9.16
CA PRO E 50 3.74 -9.52 8.23
C PRO E 50 5.14 -9.52 8.92
N GLN E 51 5.38 -8.66 9.93
CA GLN E 51 6.64 -8.70 10.71
C GLN E 51 6.98 -10.06 11.36
N GLN E 52 6.01 -10.69 12.01
CA GLN E 52 6.15 -12.03 12.60
C GLN E 52 6.52 -13.11 11.60
N LEU E 53 5.87 -13.06 10.41
CA LEU E 53 6.13 -14.08 9.39
C LEU E 53 7.53 -13.88 8.83
N LEU E 54 7.93 -12.62 8.61
CA LEU E 54 9.29 -12.30 8.08
C LEU E 54 10.42 -12.74 9.04
N GLN E 55 10.19 -12.51 10.34
CA GLN E 55 11.13 -12.97 11.36
C GLN E 55 11.30 -14.44 11.34
N VAL E 56 10.21 -15.19 11.17
CA VAL E 56 10.29 -16.61 11.00
C VAL E 56 11.00 -17.01 9.71
N LEU E 57 10.55 -16.46 8.56
CA LEU E 57 11.26 -16.71 7.31
C LEU E 57 12.74 -16.33 7.38
N GLN E 58 13.13 -15.22 8.03
CA GLN E 58 14.57 -14.91 8.23
C GLN E 58 15.40 -16.08 8.83
N GLN E 59 14.73 -16.97 9.57
CA GLN E 59 15.44 -17.95 10.44
C GLN E 59 15.33 -19.28 9.71
N THR E 60 14.49 -19.32 8.67
CA THR E 60 14.30 -20.58 7.91
C THR E 60 14.89 -20.59 6.50
N LEU E 61 15.01 -19.43 5.87
CA LEU E 61 15.44 -19.39 4.47
C LEU E 61 16.99 -19.06 4.43
N PRO E 62 17.70 -19.55 3.36
CA PRO E 62 19.07 -19.13 3.02
C PRO E 62 19.05 -17.62 2.90
N PRO E 63 20.13 -16.95 3.37
CA PRO E 63 20.11 -15.49 3.36
C PRO E 63 19.91 -14.78 1.98
N PRO E 64 20.42 -15.32 0.85
CA PRO E 64 20.06 -14.58 -0.36
C PRO E 64 18.60 -14.76 -0.75
N VAL E 65 17.99 -15.89 -0.40
CA VAL E 65 16.56 -16.11 -0.72
C VAL E 65 15.66 -15.11 0.10
N PHE E 66 15.98 -15.02 1.41
CA PHE E 66 15.29 -14.11 2.28
C PHE E 66 15.47 -12.71 1.75
N GLN E 67 16.69 -12.36 1.35
CA GLN E 67 16.88 -10.97 0.88
C GLN E 67 16.06 -10.69 -0.39
N MET E 68 16.02 -11.64 -1.29
CA MET E 68 15.22 -11.51 -2.46
C MET E 68 13.71 -11.32 -2.05
N LEU E 69 13.26 -12.10 -1.08
CA LEU E 69 11.94 -11.95 -0.56
C LEU E 69 11.67 -10.49 -0.11
N LEU E 70 12.59 -9.90 0.66
CA LEU E 70 12.43 -8.58 1.19
C LEU E 70 12.27 -7.49 0.16
N THR E 71 12.98 -7.64 -0.96
CA THR E 71 13.06 -6.58 -1.97
C THR E 71 11.77 -6.69 -2.77
N LYS E 72 11.26 -7.91 -2.97
CA LYS E 72 10.03 -8.13 -3.74
C LYS E 72 8.74 -7.85 -2.96
N LEU E 73 8.85 -7.50 -1.69
CA LEU E 73 7.69 -7.43 -0.85
C LEU E 73 7.42 -6.03 -0.49
N GLY F 1 4.91 -30.39 0.30
CA GLY F 1 3.82 -30.36 1.35
C GLY F 1 3.89 -29.16 2.29
N DCY F 2 3.11 -29.29 3.38
CA DCY F 2 2.63 -28.31 4.37
C DCY F 2 3.42 -27.86 5.67
O DCY F 2 2.85 -27.19 6.50
CB DCY F 2 1.68 -27.27 3.68
SG DCY F 2 2.25 -25.55 3.54
N ARG F 3 4.68 -28.25 5.85
CA ARG F 3 5.48 -27.80 7.00
C ARG F 3 5.34 -26.26 7.17
N LEU F 4 5.57 -25.55 6.08
CA LEU F 4 5.69 -24.14 6.14
C LEU F 4 4.35 -23.45 6.46
N CYS F 5 3.24 -24.06 6.07
CA CYS F 5 1.93 -23.55 6.41
C CYS F 5 1.79 -23.48 7.92
N ARG F 6 2.22 -24.54 8.59
CA ARG F 6 2.04 -24.68 10.02
C ARG F 6 2.95 -23.70 10.72
N LEU F 7 4.18 -23.64 10.29
CA LEU F 7 5.15 -22.70 10.86
C LEU F 7 4.64 -21.25 10.77
N LEU F 8 4.12 -20.84 9.60
CA LEU F 8 3.71 -19.44 9.42
C LEU F 8 2.34 -19.16 10.03
N SER F 9 1.40 -20.14 10.00
CA SER F 9 0.10 -19.90 10.67
C SER F 9 0.28 -19.69 12.16
N TYR F 10 1.29 -20.33 12.74
CA TYR F 10 1.52 -20.36 14.20
C TYR F 10 2.31 -19.08 14.62
N ALA F 11 2.99 -18.43 13.65
CA ALA F 11 3.79 -17.24 13.89
C ALA F 11 2.88 -16.04 14.01
N NH2 F 12 1.65 -15.98 13.77
N ASP G 6 -8.65 43.40 1.26
CA ASP G 6 -8.56 43.85 -0.16
C ASP G 6 -9.62 43.13 -1.03
N LEU G 7 -10.36 43.96 -1.76
CA LEU G 7 -11.49 43.58 -2.60
C LEU G 7 -11.15 42.55 -3.65
N LYS G 8 -10.07 42.82 -4.41
CA LYS G 8 -9.79 41.92 -5.52
C LYS G 8 -9.36 40.58 -4.98
N ASP G 9 -8.75 40.55 -3.78
CA ASP G 9 -8.38 39.28 -3.14
C ASP G 9 -9.65 38.56 -2.67
N ALA G 10 -10.56 39.31 -2.02
CA ALA G 10 -11.83 38.75 -1.56
C ALA G 10 -12.55 38.10 -2.73
N GLU G 11 -12.58 38.75 -3.87
CA GLU G 11 -13.23 38.23 -5.05
C GLU G 11 -12.62 36.87 -5.58
N ALA G 12 -11.28 36.83 -5.68
CA ALA G 12 -10.53 35.61 -6.05
C ALA G 12 -10.78 34.49 -5.07
N VAL G 13 -10.80 34.77 -3.75
CA VAL G 13 -11.01 33.66 -2.81
C VAL G 13 -12.44 33.06 -2.85
N GLN G 14 -13.46 33.90 -3.02
CA GLN G 14 -14.84 33.37 -3.16
C GLN G 14 -15.01 32.57 -4.48
N LYS G 15 -14.38 33.00 -5.57
CA LYS G 15 -14.37 32.23 -6.84
C LYS G 15 -13.69 30.86 -6.67
N PHE G 16 -12.53 30.86 -5.98
CA PHE G 16 -11.75 29.63 -5.72
C PHE G 16 -12.58 28.72 -4.81
N PHE G 17 -13.15 29.30 -3.76
CA PHE G 17 -13.93 28.49 -2.86
C PHE G 17 -15.00 27.66 -3.65
N LEU G 18 -15.73 28.33 -4.52
CA LEU G 18 -16.89 27.76 -5.21
C LEU G 18 -16.48 26.77 -6.32
N GLU G 19 -15.51 27.16 -7.14
CA GLU G 19 -14.95 26.25 -8.13
C GLU G 19 -14.28 25.00 -7.57
N GLU G 20 -13.59 25.14 -6.44
CA GLU G 20 -13.01 23.97 -5.82
C GLU G 20 -14.10 23.00 -5.31
N ILE G 21 -15.22 23.55 -4.81
CA ILE G 21 -16.29 22.68 -4.26
C ILE G 21 -16.98 22.01 -5.42
N GLN G 22 -17.20 22.79 -6.47
CA GLN G 22 -17.69 22.24 -7.74
C GLN G 22 -16.85 21.03 -8.24
N LEU G 23 -15.53 21.19 -8.44
CA LEU G 23 -14.66 20.06 -8.80
C LEU G 23 -14.73 18.97 -7.72
N GLY G 24 -14.62 19.35 -6.47
CA GLY G 24 -14.85 18.37 -5.43
C GLY G 24 -16.08 17.49 -5.72
N GLU G 25 -17.20 18.18 -5.94
CA GLU G 25 -18.50 17.53 -6.14
C GLU G 25 -18.53 16.62 -7.36
N GLU G 26 -18.03 17.11 -8.52
CA GLU G 26 -18.02 16.34 -9.78
C GLU G 26 -17.22 15.05 -9.68
N LEU G 27 -16.04 15.13 -9.06
CA LEU G 27 -15.21 13.95 -8.91
C LEU G 27 -15.79 12.98 -7.87
N LEU G 28 -16.48 13.50 -6.84
CA LEU G 28 -17.18 12.61 -5.95
C LEU G 28 -18.25 11.85 -6.76
N ALA G 29 -19.01 12.57 -7.58
CA ALA G 29 -20.08 12.00 -8.42
C ALA G 29 -19.53 10.94 -9.35
N GLN G 30 -18.25 11.08 -9.67
CA GLN G 30 -17.56 10.18 -10.57
C GLN G 30 -16.96 8.94 -9.89
N GLY G 31 -16.93 8.95 -8.56
CA GLY G 31 -16.32 7.87 -7.77
C GLY G 31 -14.84 8.05 -7.48
N ASP G 32 -14.22 9.09 -8.04
CA ASP G 32 -12.80 9.41 -7.74
C ASP G 32 -12.67 10.10 -6.38
N TYR G 33 -12.91 9.32 -5.34
CA TYR G 33 -13.12 9.82 -3.99
C TYR G 33 -11.93 10.63 -3.51
N GLU G 34 -10.76 10.26 -3.97
CA GLU G 34 -9.56 10.78 -3.35
C GLU G 34 -9.15 12.19 -3.87
N LYS G 35 -9.26 12.45 -5.16
CA LYS G 35 -8.94 13.79 -5.65
C LYS G 35 -10.02 14.79 -5.20
N GLY G 36 -11.28 14.35 -5.29
CA GLY G 36 -12.44 15.04 -4.77
C GLY G 36 -12.19 15.60 -3.40
N VAL G 37 -11.77 14.75 -2.45
CA VAL G 37 -11.40 15.18 -1.10
C VAL G 37 -10.27 16.26 -1.10
N ASP G 38 -9.33 16.17 -2.05
CA ASP G 38 -8.22 17.15 -2.16
C ASP G 38 -8.79 18.56 -2.45
N HIS G 39 -9.69 18.65 -3.41
CA HIS G 39 -10.34 19.91 -3.72
C HIS G 39 -11.20 20.49 -2.59
N LEU G 40 -11.86 19.60 -1.84
CA LEU G 40 -12.67 20.02 -0.71
C LEU G 40 -11.81 20.56 0.42
N THR G 41 -10.68 19.92 0.73
CA THR G 41 -9.87 20.47 1.81
C THR G 41 -9.31 21.85 1.45
N ASN G 42 -9.16 22.16 0.17
CA ASN G 42 -8.81 23.54 -0.29
C ASN G 42 -9.95 24.53 0.04
N ALA G 43 -11.19 24.08 -0.18
CA ALA G 43 -12.34 24.92 0.09
C ALA G 43 -12.40 25.13 1.60
N ILE G 44 -12.26 24.04 2.35
CA ILE G 44 -12.28 24.09 3.81
C ILE G 44 -11.15 25.07 4.30
N ALA G 45 -9.94 24.90 3.78
CA ALA G 45 -8.79 25.75 4.13
C ALA G 45 -9.04 27.25 4.09
N VAL G 46 -9.94 27.71 3.22
CA VAL G 46 -10.09 29.13 2.97
C VAL G 46 -11.33 29.72 3.64
N SER G 47 -12.07 28.88 4.35
CA SER G 47 -13.16 29.36 5.16
C SER G 47 -12.60 29.54 6.60
N GLY G 48 -13.10 30.50 7.32
CA GLY G 48 -12.68 30.66 8.72
C GLY G 48 -13.56 29.84 9.65
N GLN G 49 -14.26 28.88 9.04
CA GLN G 49 -15.23 28.03 9.72
C GLN G 49 -15.02 26.56 9.38
N PRO G 50 -13.79 26.05 9.49
CA PRO G 50 -13.65 24.68 9.10
C PRO G 50 -14.54 23.71 9.92
N GLN G 51 -14.82 24.03 11.19
CA GLN G 51 -15.60 23.10 12.03
C GLN G 51 -17.08 23.01 11.58
N GLN G 52 -17.73 24.15 11.33
CA GLN G 52 -19.10 24.20 10.80
C GLN G 52 -19.23 23.49 9.42
N LEU G 53 -18.20 23.57 8.59
CA LEU G 53 -18.26 22.96 7.27
C LEU G 53 -18.03 21.45 7.35
N LEU G 54 -17.14 21.06 8.27
CA LEU G 54 -16.87 19.64 8.54
C LEU G 54 -18.09 18.89 9.14
N GLN G 55 -18.82 19.55 10.06
CA GLN G 55 -20.06 19.01 10.63
C GLN G 55 -21.14 18.77 9.56
N VAL G 56 -21.28 19.72 8.61
CA VAL G 56 -22.13 19.50 7.44
C VAL G 56 -21.60 18.33 6.64
N LEU G 57 -20.30 18.34 6.33
CA LEU G 57 -19.74 17.30 5.49
C LEU G 57 -19.82 15.90 6.11
N GLN G 58 -19.86 15.80 7.44
CA GLN G 58 -20.05 14.49 8.12
C GLN G 58 -21.46 13.91 7.88
N GLN G 59 -22.39 14.77 7.45
CA GLN G 59 -23.75 14.36 7.09
C GLN G 59 -23.99 14.39 5.60
N THR G 60 -22.99 14.67 4.81
CA THR G 60 -23.24 14.65 3.39
C THR G 60 -22.25 13.75 2.69
N LEU G 61 -21.17 13.43 3.39
CA LEU G 61 -20.20 12.52 2.78
C LEU G 61 -20.38 11.09 3.31
N PRO G 62 -20.46 10.11 2.38
CA PRO G 62 -20.39 8.67 2.73
C PRO G 62 -19.30 8.46 3.80
N PRO G 63 -19.51 7.56 4.79
CA PRO G 63 -18.46 7.59 5.81
C PRO G 63 -16.99 7.20 5.36
N PRO G 64 -16.80 6.46 4.21
CA PRO G 64 -15.40 6.22 3.73
C PRO G 64 -14.71 7.51 3.31
N VAL G 65 -15.48 8.37 2.66
CA VAL G 65 -14.94 9.61 2.17
C VAL G 65 -14.71 10.62 3.30
N PHE G 66 -15.73 10.84 4.14
CA PHE G 66 -15.52 11.71 5.30
C PHE G 66 -14.22 11.37 6.04
N GLN G 67 -13.99 10.08 6.26
CA GLN G 67 -12.78 9.56 6.90
C GLN G 67 -11.49 9.94 6.16
N MET G 68 -11.51 9.82 4.84
CA MET G 68 -10.41 10.18 3.99
C MET G 68 -10.12 11.67 4.18
N LEU G 69 -11.20 12.45 4.21
CA LEU G 69 -11.09 13.88 4.39
C LEU G 69 -10.39 14.20 5.70
N LEU G 70 -10.83 13.59 6.79
CA LEU G 70 -10.25 13.91 8.07
C LEU G 70 -8.72 13.81 7.97
N THR G 71 -8.23 12.60 7.66
CA THR G 71 -6.79 12.38 7.48
C THR G 71 -6.04 13.34 6.52
N LYS G 72 -6.74 14.05 5.63
CA LYS G 72 -6.06 15.10 4.83
C LYS G 72 -6.21 16.52 5.40
N LEU G 73 -6.54 16.63 6.69
CA LEU G 73 -6.87 17.90 7.40
C LEU G 73 -8.31 18.47 7.18
N GLY H 1 -24.99 19.87 -10.64
CA GLY H 1 -24.21 20.05 -9.37
C GLY H 1 -24.54 21.39 -8.78
N DCY H 2 -23.96 21.69 -7.61
CA DCY H 2 -24.13 23.00 -7.01
C DCY H 2 -24.59 22.78 -5.59
O DCY H 2 -24.48 23.66 -4.75
CB DCY H 2 -22.86 23.87 -7.12
SG DCY H 2 -21.30 23.17 -6.42
N ARG H 3 -25.15 21.60 -5.31
CA ARG H 3 -25.79 21.49 -4.01
C ARG H 3 -24.76 21.58 -2.91
N LEU H 4 -23.67 20.83 -3.10
CA LEU H 4 -22.55 20.89 -2.20
C LEU H 4 -22.13 22.36 -1.98
N CYS H 5 -22.13 23.15 -3.05
CA CYS H 5 -21.75 24.59 -2.92
C CYS H 5 -22.65 25.32 -1.95
N ARG H 6 -23.96 25.05 -2.04
CA ARG H 6 -24.93 25.75 -1.20
C ARG H 6 -24.82 25.22 0.19
N LEU H 7 -24.71 23.89 0.33
CA LEU H 7 -24.61 23.30 1.66
C LEU H 7 -23.43 23.88 2.45
N LEU H 8 -22.39 24.26 1.71
CA LEU H 8 -21.11 24.61 2.35
C LEU H 8 -21.00 26.13 2.48
N SER H 9 -21.50 26.89 1.49
CA SER H 9 -21.54 28.38 1.59
C SER H 9 -22.34 28.96 2.76
N TYR H 10 -23.43 28.28 3.13
CA TYR H 10 -24.32 28.78 4.19
C TYR H 10 -24.04 28.23 5.57
N ALA H 11 -23.15 27.24 5.63
CA ALA H 11 -22.71 26.65 6.90
C ALA H 11 -21.83 27.69 7.64
N NH2 H 12 -21.12 28.54 7.03
#